data_5I2E
#
_entry.id   5I2E
#
_cell.length_a   76.767
_cell.length_b   46.345
_cell.length_c   63.932
_cell.angle_alpha   90.000
_cell.angle_beta   94.730
_cell.angle_gamma   90.000
#
_symmetry.space_group_name_H-M   'C 1 2 1'
#
loop_
_entity.id
_entity.type
_entity.pdbx_description
1 polymer 'Histidine triad nucleotide-binding protein 1'
2 non-polymer 3-(5-O-{[3-(1H-indol-3-yl)propanoyl]sulfamoyl}-beta-D-ribofuranosyl)-3H-imidazo[2,1-i]purine
3 non-polymer GLYCEROL
4 water water
#
_entity_poly.entity_id   1
_entity_poly.type   'polypeptide(L)'
_entity_poly.pdbx_seq_one_letter_code
;SNAMADEIAKAQVARPGGDTIFGKIIRKEIPAKIIFEDDRCLAFHDISPQAPTHFLVIPKKHISQISVAEDDDESLLGHL
MIVGKKCAADLGLNKGYRMVVNEGSDGGQSVYHVHLHVLGGRQMHWPPG
;
_entity_poly.pdbx_strand_id   A,B
#
# COMPACT_ATOMS: atom_id res chain seq x y z
N ARG A 15 12.45 17.24 -16.53
CA ARG A 15 13.22 16.01 -16.39
C ARG A 15 12.30 14.87 -15.95
N PRO A 16 12.42 13.72 -16.61
CA PRO A 16 11.49 12.61 -16.34
C PRO A 16 11.63 12.08 -14.93
N GLY A 17 10.49 11.94 -14.24
CA GLY A 17 10.48 11.56 -12.84
C GLY A 17 10.38 12.73 -11.88
N GLY A 18 10.61 13.97 -12.36
CA GLY A 18 10.51 15.14 -11.52
C GLY A 18 11.77 15.39 -10.70
N ASP A 19 11.70 16.41 -9.85
CA ASP A 19 12.87 16.85 -9.11
C ASP A 19 12.76 16.64 -7.60
N THR A 20 11.76 15.90 -7.12
CA THR A 20 11.84 15.40 -5.75
C THR A 20 13.07 14.50 -5.63
N ILE A 21 13.44 14.21 -4.39
N ILE A 21 13.43 14.20 -4.38
CA ILE A 21 14.60 13.32 -4.17
CA ILE A 21 14.59 13.33 -4.16
C ILE A 21 14.41 12.02 -4.94
C ILE A 21 14.41 12.00 -4.88
N PHE A 22 13.16 11.54 -5.03
CA PHE A 22 12.93 10.27 -5.72
C PHE A 22 13.13 10.41 -7.23
N GLY A 23 12.76 11.55 -7.80
CA GLY A 23 13.07 11.78 -9.21
C GLY A 23 14.56 11.79 -9.46
N LYS A 24 15.32 12.42 -8.56
CA LYS A 24 16.78 12.39 -8.68
C LYS A 24 17.32 10.98 -8.55
N ILE A 25 16.73 10.17 -7.66
CA ILE A 25 17.18 8.79 -7.52
C ILE A 25 16.87 8.00 -8.79
N ILE A 26 15.67 8.18 -9.36
CA ILE A 26 15.32 7.51 -10.62
C ILE A 26 16.38 7.77 -11.69
N ARG A 27 16.86 9.01 -11.79
CA ARG A 27 17.81 9.37 -12.84
C ARG A 27 19.26 9.15 -12.43
N LYS A 28 19.50 8.47 -11.31
N LYS A 28 19.49 8.48 -11.30
CA LYS A 28 20.83 8.15 -10.81
CA LYS A 28 20.83 8.16 -10.82
C LYS A 28 21.65 9.39 -10.47
C LYS A 28 21.66 9.41 -10.54
N GLU A 29 20.98 10.51 -10.21
CA GLU A 29 21.65 11.75 -9.84
C GLU A 29 21.96 11.81 -8.36
N ILE A 30 21.17 11.13 -7.55
CA ILE A 30 21.44 10.92 -6.12
C ILE A 30 21.65 9.43 -5.92
N PRO A 31 22.69 9.00 -5.21
CA PRO A 31 22.90 7.57 -5.03
C PRO A 31 21.88 6.95 -4.10
N ALA A 32 21.56 5.68 -4.35
CA ALA A 32 20.69 4.92 -3.48
C ALA A 32 21.10 3.47 -3.56
N LYS A 33 20.66 2.68 -2.58
CA LYS A 33 20.95 1.25 -2.58
C LYS A 33 19.78 0.56 -3.27
N ILE A 34 19.93 0.35 -4.57
N ILE A 34 19.93 0.30 -4.56
CA ILE A 34 18.87 -0.19 -5.40
CA ILE A 34 18.83 -0.15 -5.40
C ILE A 34 18.75 -1.69 -5.18
C ILE A 34 18.72 -1.68 -5.35
N ILE A 35 17.52 -2.17 -5.07
CA ILE A 35 17.24 -3.59 -4.96
C ILE A 35 16.80 -4.17 -6.29
N PHE A 36 15.98 -3.41 -7.02
CA PHE A 36 15.28 -3.89 -8.20
C PHE A 36 14.98 -2.69 -9.08
N GLU A 37 15.06 -2.88 -10.39
CA GLU A 37 14.70 -1.83 -11.32
C GLU A 37 14.17 -2.45 -12.60
N ASP A 38 13.03 -1.94 -13.07
CA ASP A 38 12.54 -2.27 -14.40
C ASP A 38 12.09 -0.97 -15.07
N ASP A 39 11.40 -1.09 -16.19
CA ASP A 39 10.99 0.09 -16.94
C ASP A 39 9.94 0.92 -16.24
N ARG A 40 9.26 0.37 -15.23
N ARG A 40 9.28 0.37 -15.21
CA ARG A 40 8.13 1.03 -14.58
CA ARG A 40 8.14 1.04 -14.58
C ARG A 40 8.44 1.53 -13.17
C ARG A 40 8.42 1.50 -13.16
N CYS A 41 9.42 0.96 -12.49
CA CYS A 41 9.61 1.29 -11.09
C CYS A 41 11.02 0.97 -10.64
N LEU A 42 11.30 1.39 -9.41
CA LEU A 42 12.59 1.24 -8.78
C LEU A 42 12.32 0.92 -7.32
N ALA A 43 13.02 -0.06 -6.77
CA ALA A 43 12.99 -0.37 -5.34
C ALA A 43 14.36 -0.11 -4.73
N PHE A 44 14.39 0.58 -3.58
CA PHE A 44 15.67 0.92 -2.95
C PHE A 44 15.44 1.06 -1.45
N HIS A 45 16.54 0.93 -0.69
CA HIS A 45 16.43 0.92 0.77
C HIS A 45 16.20 2.32 1.32
N ASP A 46 15.39 2.39 2.38
CA ASP A 46 15.12 3.66 3.06
C ASP A 46 16.35 4.08 3.87
N ILE A 47 16.67 5.37 3.83
CA ILE A 47 17.84 5.84 4.59
C ILE A 47 17.55 6.12 6.05
N SER A 48 16.29 6.09 6.47
CA SER A 48 15.92 6.16 7.88
C SER A 48 15.02 4.98 8.20
N PRO A 49 15.58 3.77 8.22
CA PRO A 49 14.73 2.57 8.33
C PRO A 49 13.99 2.51 9.65
N GLN A 50 12.71 2.15 9.58
CA GLN A 50 11.88 1.97 10.75
C GLN A 50 11.75 0.51 11.15
N ALA A 51 12.43 -0.37 10.45
CA ALA A 51 12.43 -1.80 10.75
C ALA A 51 13.73 -2.35 10.22
N PRO A 52 14.11 -3.57 10.64
CA PRO A 52 15.39 -4.12 10.18
C PRO A 52 15.54 -4.12 8.66
N THR A 53 14.48 -4.46 7.93
CA THR A 53 14.39 -4.24 6.50
C THR A 53 13.32 -3.20 6.25
N HIS A 54 13.68 -2.16 5.49
CA HIS A 54 12.73 -1.09 5.19
C HIS A 54 13.15 -0.54 3.83
N PHE A 55 12.34 -0.80 2.81
CA PHE A 55 12.66 -0.31 1.48
C PHE A 55 11.42 0.31 0.86
N LEU A 56 11.64 1.01 -0.25
CA LEU A 56 10.61 1.75 -0.96
C LEU A 56 10.50 1.25 -2.39
N VAL A 57 9.29 1.23 -2.91
CA VAL A 57 9.06 0.98 -4.33
C VAL A 57 8.38 2.20 -4.91
N ILE A 58 8.99 2.79 -5.93
CA ILE A 58 8.48 4.03 -6.48
C ILE A 58 8.28 3.84 -7.98
N PRO A 59 7.25 4.43 -8.56
CA PRO A 59 7.12 4.43 -10.02
C PRO A 59 8.11 5.41 -10.64
N LYS A 60 8.52 5.11 -11.87
CA LYS A 60 9.35 6.06 -12.59
C LYS A 60 8.53 7.22 -13.13
N LYS A 61 7.24 6.99 -13.41
CA LYS A 61 6.33 8.06 -13.75
C LYS A 61 6.08 8.91 -12.51
N HIS A 62 6.19 10.23 -12.64
CA HIS A 62 5.92 11.08 -11.50
C HIS A 62 4.41 11.22 -11.29
N ILE A 63 3.95 10.72 -10.14
CA ILE A 63 2.65 11.02 -9.57
C ILE A 63 2.92 11.56 -8.17
N SER A 64 2.34 12.71 -7.83
CA SER A 64 2.76 13.38 -6.60
C SER A 64 2.26 12.67 -5.35
N GLN A 65 1.08 12.05 -5.41
CA GLN A 65 0.49 11.43 -4.24
C GLN A 65 -0.66 10.57 -4.72
N ILE A 66 -1.03 9.59 -3.88
CA ILE A 66 -2.05 8.62 -4.31
C ILE A 66 -3.38 9.30 -4.56
N SER A 67 -3.66 10.41 -3.88
CA SER A 67 -4.97 11.04 -4.03
C SER A 67 -5.19 11.64 -5.41
N VAL A 68 -4.13 11.84 -6.20
CA VAL A 68 -4.26 12.38 -7.56
C VAL A 68 -3.96 11.34 -8.63
N ALA A 69 -3.75 10.08 -8.26
CA ALA A 69 -3.56 9.05 -9.27
C ALA A 69 -4.80 8.92 -10.14
N GLU A 70 -4.57 8.66 -11.43
CA GLU A 70 -5.66 8.48 -12.38
C GLU A 70 -6.09 7.02 -12.45
N ASP A 71 -7.31 6.82 -12.96
CA ASP A 71 -7.82 5.46 -13.10
C ASP A 71 -6.87 4.60 -13.92
N ASP A 72 -6.22 5.16 -14.93
CA ASP A 72 -5.33 4.32 -15.75
C ASP A 72 -3.94 4.17 -15.13
N ASP A 73 -3.75 4.66 -13.91
CA ASP A 73 -2.58 4.31 -13.13
C ASP A 73 -2.75 3.01 -12.36
N GLU A 74 -3.88 2.32 -12.50
CA GLU A 74 -4.16 1.15 -11.68
C GLU A 74 -3.09 0.07 -11.84
N SER A 75 -2.75 -0.26 -13.09
N SER A 75 -2.74 -0.26 -13.09
N SER A 75 -2.74 -0.26 -13.09
CA SER A 75 -1.78 -1.31 -13.33
CA SER A 75 -1.78 -1.33 -13.31
CA SER A 75 -1.78 -1.33 -13.30
C SER A 75 -0.41 -0.97 -12.74
C SER A 75 -0.41 -0.97 -12.76
C SER A 75 -0.41 -0.97 -12.73
N LEU A 76 -0.01 0.30 -12.85
CA LEU A 76 1.28 0.72 -12.32
C LEU A 76 1.30 0.64 -10.81
N LEU A 77 0.22 1.08 -10.16
CA LEU A 77 0.14 0.99 -8.70
C LEU A 77 0.17 -0.47 -8.24
N GLY A 78 -0.61 -1.33 -8.89
CA GLY A 78 -0.54 -2.74 -8.57
C GLY A 78 0.85 -3.32 -8.79
N HIS A 79 1.53 -2.84 -9.83
CA HIS A 79 2.88 -3.32 -10.13
C HIS A 79 3.84 -2.99 -9.00
N LEU A 80 3.67 -1.83 -8.36
CA LEU A 80 4.48 -1.50 -7.19
C LEU A 80 4.31 -2.53 -6.08
N MET A 81 3.07 -3.00 -5.87
CA MET A 81 2.84 -3.97 -4.81
C MET A 81 3.41 -5.33 -5.19
N ILE A 82 3.29 -5.71 -6.46
CA ILE A 82 3.86 -6.99 -6.91
C ILE A 82 5.37 -6.97 -6.78
N VAL A 83 6.00 -5.87 -7.21
CA VAL A 83 7.45 -5.76 -7.05
C VAL A 83 7.83 -5.73 -5.58
N GLY A 84 7.03 -5.04 -4.76
CA GLY A 84 7.26 -5.04 -3.33
C GLY A 84 7.27 -6.44 -2.73
N LYS A 85 6.28 -7.26 -3.07
CA LYS A 85 6.26 -8.59 -2.48
C LYS A 85 7.37 -9.48 -3.06
N LYS A 86 7.75 -9.27 -4.32
CA LYS A 86 8.87 -10.02 -4.88
C LYS A 86 10.17 -9.63 -4.20
N CYS A 87 10.40 -8.34 -4.02
CA CYS A 87 11.62 -7.89 -3.35
C CYS A 87 11.66 -8.37 -1.91
N ALA A 88 10.52 -8.34 -1.23
CA ALA A 88 10.47 -8.85 0.14
C ALA A 88 10.89 -10.32 0.18
N ALA A 89 10.39 -11.11 -0.76
CA ALA A 89 10.80 -12.51 -0.83
C ALA A 89 12.29 -12.65 -1.09
N ASP A 90 12.83 -11.86 -2.03
CA ASP A 90 14.25 -11.94 -2.36
C ASP A 90 15.13 -11.45 -1.24
N LEU A 91 14.62 -10.59 -0.37
CA LEU A 91 15.33 -10.14 0.82
C LEU A 91 15.12 -11.06 2.02
N GLY A 92 14.38 -12.16 1.85
CA GLY A 92 14.27 -13.14 2.91
C GLY A 92 13.29 -12.81 4.01
N LEU A 93 12.28 -11.98 3.73
CA LEU A 93 11.25 -11.66 4.73
C LEU A 93 10.17 -12.74 4.77
N ASN A 94 10.60 -13.96 5.10
CA ASN A 94 9.72 -15.12 5.06
C ASN A 94 8.66 -15.10 6.15
N LYS A 95 8.85 -14.33 7.22
CA LYS A 95 7.88 -14.26 8.29
C LYS A 95 6.84 -13.15 8.08
N GLY A 96 6.95 -12.38 6.99
CA GLY A 96 5.96 -11.38 6.68
C GLY A 96 6.54 -9.99 6.66
N TYR A 97 5.66 -9.02 6.42
CA TYR A 97 6.06 -7.63 6.25
C TYR A 97 4.81 -6.77 6.19
N ARG A 98 5.01 -5.46 6.25
CA ARG A 98 3.94 -4.48 6.15
C ARG A 98 4.22 -3.54 4.99
N MET A 99 3.19 -3.28 4.17
CA MET A 99 3.29 -2.30 3.10
C MET A 99 2.48 -1.07 3.49
N VAL A 100 3.02 0.11 3.21
CA VAL A 100 2.43 1.36 3.64
C VAL A 100 2.51 2.39 2.52
N VAL A 101 1.42 3.10 2.27
CA VAL A 101 1.41 4.31 1.45
C VAL A 101 0.92 5.46 2.32
N ASN A 102 1.67 6.55 2.35
CA ASN A 102 1.28 7.72 3.13
C ASN A 102 0.75 8.80 2.19
N GLU A 103 -0.36 9.41 2.56
CA GLU A 103 -0.97 10.47 1.77
C GLU A 103 -1.08 11.72 2.62
N GLY A 104 -0.49 12.81 2.14
CA GLY A 104 -0.75 14.10 2.73
C GLY A 104 -0.24 14.24 4.15
N SER A 105 -0.77 15.26 4.82
N SER A 105 -0.76 15.28 4.82
CA SER A 105 -0.25 15.68 6.12
CA SER A 105 -0.22 15.66 6.12
C SER A 105 -0.58 14.64 7.19
C SER A 105 -0.57 14.62 7.20
N ASP A 106 -1.83 14.19 7.24
CA ASP A 106 -2.24 13.20 8.22
C ASP A 106 -1.56 11.86 7.99
N GLY A 107 -1.16 11.56 6.75
CA GLY A 107 -0.35 10.40 6.52
C GLY A 107 1.11 10.57 6.87
N GLY A 108 1.55 11.82 7.03
CA GLY A 108 2.96 12.07 7.27
C GLY A 108 3.80 12.11 6.02
N GLN A 109 3.19 12.24 4.85
CA GLN A 109 3.96 12.22 3.61
C GLN A 109 4.94 13.38 3.55
N SER A 110 6.22 13.06 3.36
CA SER A 110 7.28 14.06 3.30
C SER A 110 7.90 14.21 1.92
N VAL A 111 7.64 13.27 1.00
CA VAL A 111 8.13 13.33 -0.37
C VAL A 111 6.94 13.13 -1.29
N TYR A 112 6.63 14.13 -2.11
CA TYR A 112 5.44 14.08 -2.95
C TYR A 112 5.77 13.47 -4.32
N HIS A 113 6.17 12.21 -4.24
CA HIS A 113 6.26 11.27 -5.36
C HIS A 113 5.70 9.98 -4.78
N VAL A 114 4.64 9.45 -5.38
N VAL A 114 4.68 9.43 -5.43
CA VAL A 114 3.95 8.33 -4.74
CA VAL A 114 4.00 8.23 -4.92
C VAL A 114 4.90 7.15 -4.62
C VAL A 114 5.03 7.15 -4.61
N HIS A 115 4.81 6.43 -3.51
CA HIS A 115 5.73 5.35 -3.21
C HIS A 115 5.11 4.41 -2.19
N LEU A 116 5.61 3.19 -2.21
CA LEU A 116 5.17 2.14 -1.31
C LEU A 116 6.31 1.80 -0.36
N HIS A 117 6.06 1.88 0.95
CA HIS A 117 7.01 1.38 1.95
C HIS A 117 6.80 -0.12 2.14
N VAL A 118 7.90 -0.84 2.32
CA VAL A 118 7.84 -2.25 2.72
C VAL A 118 8.73 -2.42 3.93
N LEU A 119 8.17 -2.86 5.05
CA LEU A 119 8.90 -2.99 6.30
C LEU A 119 8.81 -4.41 6.82
N GLY A 120 9.94 -4.95 7.29
CA GLY A 120 9.89 -6.27 7.88
C GLY A 120 11.14 -6.56 8.69
N GLY A 121 11.25 -7.82 9.12
CA GLY A 121 12.37 -8.24 9.95
C GLY A 121 12.16 -8.06 11.44
N ARG A 122 10.98 -7.59 11.85
CA ARG A 122 10.58 -7.52 13.24
C ARG A 122 9.06 -7.65 13.27
N GLN A 123 8.51 -7.89 14.45
CA GLN A 123 7.06 -7.87 14.59
C GLN A 123 6.55 -6.44 14.41
N MET A 124 5.65 -6.25 13.46
CA MET A 124 4.98 -4.97 13.31
C MET A 124 3.77 -4.92 14.24
N HIS A 125 3.49 -3.74 14.80
CA HIS A 125 2.50 -3.56 15.83
C HIS A 125 1.25 -2.89 15.27
N TRP A 126 0.20 -2.91 16.09
CA TRP A 126 -1.08 -2.30 15.72
C TRP A 126 -1.48 -1.31 16.82
N PRO A 127 -1.99 -0.13 16.46
CA PRO A 127 -2.27 0.40 15.12
C PRO A 127 -1.00 0.70 14.34
N PRO A 128 -1.12 0.85 13.01
CA PRO A 128 0.04 1.12 12.17
C PRO A 128 0.40 2.60 12.16
N GLY A 129 0.71 3.11 13.33
CA GLY A 129 0.88 4.54 13.53
C GLY A 129 -0.42 5.21 13.91
N ASP B 19 -12.32 -20.65 3.42
CA ASP B 19 -13.10 -19.42 3.47
C ASP B 19 -12.75 -18.62 4.71
N THR B 20 -13.08 -17.32 4.70
CA THR B 20 -12.80 -16.42 5.80
C THR B 20 -14.03 -15.59 6.08
N ILE B 21 -13.99 -14.85 7.19
CA ILE B 21 -15.08 -13.94 7.51
C ILE B 21 -15.26 -12.88 6.42
N PHE B 22 -14.19 -12.53 5.69
CA PHE B 22 -14.37 -11.57 4.60
C PHE B 22 -15.11 -12.20 3.43
N GLY B 23 -14.95 -13.51 3.22
CA GLY B 23 -15.78 -14.19 2.25
C GLY B 23 -17.25 -14.12 2.60
N LYS B 24 -17.57 -14.25 3.90
CA LYS B 24 -18.96 -14.11 4.34
C LYS B 24 -19.47 -12.69 4.09
N ILE B 25 -18.62 -11.69 4.26
CA ILE B 25 -19.04 -10.32 3.99
C ILE B 25 -19.31 -10.14 2.50
N ILE B 26 -18.43 -10.67 1.65
CA ILE B 26 -18.63 -10.58 0.20
C ILE B 26 -19.94 -11.25 -0.22
N ARG B 27 -20.24 -12.39 0.40
CA ARG B 27 -21.44 -13.14 0.06
C ARG B 27 -22.68 -12.56 0.71
N LYS B 28 -22.53 -11.51 1.51
CA LYS B 28 -23.62 -10.81 2.20
C LYS B 28 -24.27 -11.68 3.26
N GLU B 29 -23.52 -12.69 3.74
CA GLU B 29 -24.03 -13.57 4.77
C GLU B 29 -23.95 -12.97 6.16
N ILE B 30 -23.08 -11.99 6.39
CA ILE B 30 -23.07 -11.28 7.66
C ILE B 30 -23.03 -9.78 7.36
N PRO B 31 -23.51 -8.95 8.28
CA PRO B 31 -23.59 -7.52 7.98
C PRO B 31 -22.23 -6.85 7.98
N ALA B 32 -22.12 -5.82 7.14
CA ALA B 32 -20.96 -4.95 7.11
C ALA B 32 -21.44 -3.56 6.69
N LYS B 33 -20.72 -2.53 7.16
CA LYS B 33 -21.03 -1.15 6.78
C LYS B 33 -20.33 -0.90 5.46
N ILE B 34 -21.02 -1.18 4.37
CA ILE B 34 -20.43 -1.15 3.04
C ILE B 34 -20.39 0.27 2.52
N ILE B 35 -19.21 0.70 2.05
CA ILE B 35 -18.99 2.03 1.52
C ILE B 35 -19.15 2.05 0.01
N PHE B 36 -18.62 1.03 -0.65
CA PHE B 36 -18.58 0.99 -2.10
C PHE B 36 -18.45 -0.46 -2.52
N GLU B 37 -19.06 -0.78 -3.67
CA GLU B 37 -18.93 -2.13 -4.21
C GLU B 37 -18.97 -2.00 -5.73
N ASP B 38 -18.17 -2.80 -6.40
CA ASP B 38 -18.33 -2.98 -7.84
C ASP B 38 -18.26 -4.48 -8.12
N ASP B 39 -17.91 -4.85 -9.35
CA ASP B 39 -17.93 -6.27 -9.72
C ASP B 39 -16.70 -7.03 -9.26
N ARG B 40 -15.66 -6.34 -8.77
CA ARG B 40 -14.41 -7.02 -8.43
C ARG B 40 -13.87 -6.64 -7.06
N CYS B 41 -14.53 -5.76 -6.31
CA CYS B 41 -14.02 -5.40 -4.99
C CYS B 41 -15.14 -4.82 -4.14
N LEU B 42 -14.83 -4.62 -2.86
CA LEU B 42 -15.79 -4.17 -1.88
C LEU B 42 -15.03 -3.37 -0.83
N ALA B 43 -15.57 -2.21 -0.46
CA ALA B 43 -15.00 -1.38 0.60
C ALA B 43 -15.99 -1.29 1.75
N PHE B 44 -15.51 -1.46 2.98
CA PHE B 44 -16.39 -1.44 4.13
C PHE B 44 -15.61 -1.00 5.37
N HIS B 45 -16.33 -0.43 6.33
CA HIS B 45 -15.69 0.06 7.54
C HIS B 45 -15.15 -1.09 8.39
N ASP B 46 -13.97 -0.90 8.94
CA ASP B 46 -13.37 -1.91 9.81
C ASP B 46 -14.17 -2.02 11.10
N ILE B 47 -14.39 -3.26 11.56
CA ILE B 47 -15.15 -3.49 12.77
C ILE B 47 -14.38 -3.09 14.03
N SER B 48 -13.05 -2.95 13.95
CA SER B 48 -12.21 -2.58 15.08
C SER B 48 -11.37 -1.38 14.67
N PRO B 49 -11.98 -0.21 14.49
CA PRO B 49 -11.27 0.91 13.85
C PRO B 49 -10.20 1.48 14.76
N GLN B 50 -9.08 1.88 14.14
CA GLN B 50 -7.92 2.44 14.80
C GLN B 50 -7.75 3.93 14.54
N ALA B 51 -8.69 4.55 13.84
CA ALA B 51 -8.69 5.98 13.55
C ALA B 51 -10.13 6.41 13.37
N PRO B 52 -10.41 7.71 13.43
CA PRO B 52 -11.80 8.17 13.21
C PRO B 52 -12.42 7.62 11.92
N THR B 53 -11.64 7.49 10.86
CA THR B 53 -12.04 6.77 9.67
C THR B 53 -11.07 5.61 9.46
N HIS B 54 -11.60 4.40 9.36
CA HIS B 54 -10.76 3.22 9.15
C HIS B 54 -11.62 2.22 8.39
N PHE B 55 -11.33 2.03 7.11
CA PHE B 55 -12.08 1.09 6.29
C PHE B 55 -11.11 0.18 5.55
N LEU B 56 -11.68 -0.86 4.94
CA LEU B 56 -10.95 -1.87 4.21
C LEU B 56 -11.44 -1.92 2.77
N VAL B 57 -10.54 -2.22 1.85
CA VAL B 57 -10.88 -2.50 0.47
C VAL B 57 -10.38 -3.91 0.19
N ILE B 58 -11.28 -4.79 -0.25
CA ILE B 58 -10.91 -6.18 -0.51
C ILE B 58 -11.32 -6.59 -1.92
N PRO B 59 -10.55 -7.43 -2.57
CA PRO B 59 -10.99 -8.02 -3.84
C PRO B 59 -12.03 -9.10 -3.59
N LYS B 60 -12.90 -9.30 -4.57
CA LYS B 60 -13.83 -10.41 -4.45
C LYS B 60 -13.14 -11.74 -4.77
N LYS B 61 -12.07 -11.71 -5.57
CA LYS B 61 -11.25 -12.89 -5.78
C LYS B 61 -10.51 -13.23 -4.49
N HIS B 62 -10.56 -14.50 -4.10
CA HIS B 62 -9.89 -14.87 -2.85
C HIS B 62 -8.41 -15.03 -3.11
N ILE B 63 -7.67 -13.95 -2.91
CA ILE B 63 -6.22 -13.99 -2.78
C ILE B 63 -5.92 -13.99 -1.30
N SER B 64 -5.25 -15.04 -0.80
CA SER B 64 -5.13 -15.20 0.64
C SER B 64 -4.19 -14.18 1.26
N GLN B 65 -3.16 -13.76 0.52
CA GLN B 65 -2.16 -12.86 1.07
C GLN B 65 -1.39 -12.28 -0.10
N ILE B 66 -0.81 -11.10 0.13
CA ILE B 66 -0.18 -10.41 -0.99
C ILE B 66 1.00 -11.22 -1.54
N SER B 67 1.63 -12.04 -0.69
CA SER B 67 2.80 -12.79 -1.16
C SER B 67 2.45 -13.84 -2.21
N VAL B 68 1.18 -14.24 -2.32
CA VAL B 68 0.78 -15.21 -3.34
C VAL B 68 0.10 -14.57 -4.54
N ALA B 69 0.01 -13.25 -4.58
CA ALA B 69 -0.54 -12.58 -5.75
C ALA B 69 0.34 -12.83 -6.97
N GLU B 70 -0.30 -12.97 -8.12
CA GLU B 70 0.39 -13.18 -9.38
C GLU B 70 0.48 -11.89 -10.18
N ASP B 71 1.34 -11.89 -11.20
CA ASP B 71 1.48 -10.71 -12.04
C ASP B 71 0.15 -10.33 -12.70
N ASP B 72 -0.68 -11.31 -13.04
CA ASP B 72 -1.98 -11.02 -13.63
C ASP B 72 -2.91 -10.30 -12.65
N ASP B 73 -2.55 -10.23 -11.38
CA ASP B 73 -3.37 -9.55 -10.38
C ASP B 73 -3.03 -8.07 -10.26
N GLU B 74 -2.05 -7.56 -11.02
CA GLU B 74 -1.55 -6.23 -10.75
C GLU B 74 -2.63 -5.17 -10.95
N SER B 75 -3.44 -5.31 -12.01
CA SER B 75 -4.49 -4.32 -12.22
C SER B 75 -5.52 -4.36 -11.10
N LEU B 76 -5.86 -5.56 -10.63
CA LEU B 76 -6.81 -5.71 -9.53
C LEU B 76 -6.26 -5.07 -8.25
N LEU B 77 -4.98 -5.27 -7.97
CA LEU B 77 -4.42 -4.68 -6.75
C LEU B 77 -4.39 -3.17 -6.85
N GLY B 78 -4.01 -2.64 -8.01
CA GLY B 78 -4.08 -1.20 -8.20
C GLY B 78 -5.49 -0.67 -8.09
N HIS B 79 -6.47 -1.46 -8.54
CA HIS B 79 -7.87 -1.07 -8.39
C HIS B 79 -8.26 -0.89 -6.94
N LEU B 80 -7.76 -1.76 -6.06
CA LEU B 80 -8.04 -1.60 -4.64
C LEU B 80 -7.55 -0.25 -4.14
N MET B 81 -6.36 0.18 -4.58
N MET B 81 -6.36 0.18 -4.58
CA MET B 81 -5.80 1.43 -4.12
CA MET B 81 -5.83 1.45 -4.09
C MET B 81 -6.57 2.63 -4.68
C MET B 81 -6.58 2.63 -4.67
N ILE B 82 -7.01 2.54 -5.94
CA ILE B 82 -7.76 3.63 -6.54
C ILE B 82 -9.14 3.74 -5.90
N VAL B 83 -9.81 2.59 -5.70
CA VAL B 83 -11.06 2.59 -4.94
C VAL B 83 -10.81 3.16 -3.55
N GLY B 84 -9.71 2.75 -2.92
CA GLY B 84 -9.36 3.26 -1.61
C GLY B 84 -9.25 4.79 -1.58
N LYS B 85 -8.51 5.37 -2.53
CA LYS B 85 -8.34 6.82 -2.45
C LYS B 85 -9.63 7.55 -2.83
N LYS B 86 -10.44 6.97 -3.72
CA LYS B 86 -11.74 7.58 -4.03
C LYS B 86 -12.67 7.54 -2.82
N CYS B 87 -12.71 6.42 -2.12
CA CYS B 87 -13.54 6.33 -0.91
C CYS B 87 -13.06 7.30 0.15
N ALA B 88 -11.74 7.43 0.32
CA ALA B 88 -11.21 8.37 1.30
C ALA B 88 -11.65 9.80 0.99
N ALA B 89 -11.60 10.19 -0.30
CA ALA B 89 -12.09 11.51 -0.68
C ALA B 89 -13.58 11.64 -0.40
N ASP B 90 -14.34 10.59 -0.70
CA ASP B 90 -15.78 10.62 -0.46
C ASP B 90 -16.09 10.70 1.03
N LEU B 91 -15.26 10.10 1.88
CA LEU B 91 -15.47 10.16 3.32
C LEU B 91 -14.91 11.43 3.93
N GLY B 92 -14.39 12.35 3.12
CA GLY B 92 -13.96 13.64 3.61
C GLY B 92 -12.54 13.70 4.15
N LEU B 93 -11.68 12.75 3.79
CA LEU B 93 -10.32 12.70 4.33
C LEU B 93 -9.40 13.65 3.56
N ASN B 94 -9.72 14.95 3.64
CA ASN B 94 -9.03 15.95 2.84
C ASN B 94 -7.67 16.36 3.42
N LYS B 95 -7.32 15.93 4.63
CA LYS B 95 -6.00 16.19 5.18
C LYS B 95 -5.08 14.98 5.08
N GLY B 96 -5.51 13.90 4.43
CA GLY B 96 -4.66 12.78 4.14
C GLY B 96 -5.06 11.52 4.90
N TYR B 97 -4.24 10.50 4.73
CA TYR B 97 -4.56 9.18 5.27
C TYR B 97 -3.39 8.23 5.03
N ARG B 98 -3.50 7.01 5.55
CA ARG B 98 -2.47 6.00 5.39
C ARG B 98 -3.12 4.73 4.88
N MET B 99 -2.49 4.10 3.89
CA MET B 99 -2.92 2.81 3.37
C MET B 99 -1.96 1.75 3.86
N VAL B 100 -2.50 0.59 4.25
CA VAL B 100 -1.68 -0.46 4.85
C VAL B 100 -2.14 -1.81 4.32
N VAL B 101 -1.19 -2.63 3.88
CA VAL B 101 -1.41 -4.04 3.63
C VAL B 101 -0.47 -4.83 4.52
N ASN B 102 -1.01 -5.77 5.28
CA ASN B 102 -0.21 -6.63 6.15
C ASN B 102 -0.02 -7.99 5.51
N GLU B 103 1.18 -8.56 5.67
CA GLU B 103 1.48 -9.89 5.15
C GLU B 103 2.04 -10.75 6.29
N GLY B 104 1.40 -11.87 6.55
CA GLY B 104 2.00 -12.85 7.43
C GLY B 104 2.07 -12.44 8.90
N SER B 105 2.84 -13.24 9.65
N SER B 105 2.82 -13.25 9.65
CA SER B 105 2.86 -13.07 11.11
CA SER B 105 2.90 -13.09 11.10
C SER B 105 3.58 -11.79 11.52
C SER B 105 3.56 -11.77 11.46
N ASP B 106 4.72 -11.48 10.87
CA ASP B 106 5.42 -10.24 11.22
C ASP B 106 4.65 -9.01 10.75
N GLY B 107 3.90 -9.13 9.65
CA GLY B 107 3.07 -7.99 9.25
C GLY B 107 1.83 -7.81 10.10
N GLY B 108 1.51 -8.79 10.94
CA GLY B 108 0.30 -8.72 11.74
C GLY B 108 -0.96 -9.01 10.96
N GLN B 109 -0.87 -9.74 9.84
CA GLN B 109 -2.06 -10.02 9.05
C GLN B 109 -3.06 -10.83 9.88
N SER B 110 -4.27 -10.31 10.01
N SER B 110 -4.31 -10.39 9.88
CA SER B 110 -5.31 -11.06 10.70
CA SER B 110 -5.35 -10.94 10.76
C SER B 110 -5.96 -12.04 9.76
C SER B 110 -6.36 -11.86 10.06
N VAL B 111 -6.75 -11.55 8.82
CA VAL B 111 -7.61 -12.39 8.00
C VAL B 111 -6.82 -12.75 6.76
N TYR B 112 -6.81 -14.04 6.40
CA TYR B 112 -6.05 -14.44 5.22
C TYR B 112 -6.91 -14.33 3.95
N HIS B 113 -7.28 -13.07 3.71
CA HIS B 113 -7.88 -12.60 2.48
C HIS B 113 -7.30 -11.21 2.32
N VAL B 114 -6.63 -10.97 1.18
N VAL B 114 -6.59 -10.98 1.21
CA VAL B 114 -5.93 -9.70 0.96
CA VAL B 114 -5.82 -9.73 1.10
C VAL B 114 -6.85 -8.54 1.24
C VAL B 114 -6.78 -8.55 1.22
N HIS B 115 -6.37 -7.57 2.03
CA HIS B 115 -7.19 -6.41 2.31
C HIS B 115 -6.31 -5.18 2.51
N LEU B 116 -6.76 -4.07 1.95
CA LEU B 116 -6.09 -2.78 2.07
C LEU B 116 -6.78 -1.99 3.17
N HIS B 117 -6.03 -1.62 4.21
CA HIS B 117 -6.52 -0.71 5.24
C HIS B 117 -6.39 0.72 4.75
N VAL B 118 -7.39 1.55 5.05
CA VAL B 118 -7.26 2.98 4.83
C VAL B 118 -7.65 3.66 6.13
N LEU B 119 -6.73 4.45 6.71
CA LEU B 119 -6.92 5.06 8.01
C LEU B 119 -6.69 6.56 7.91
N GLY B 120 -7.58 7.34 8.51
CA GLY B 120 -7.39 8.78 8.53
C GLY B 120 -8.29 9.43 9.56
N GLY B 121 -8.34 10.75 9.51
CA GLY B 121 -9.09 11.51 10.48
C GLY B 121 -8.33 11.86 11.73
N ARG B 122 -7.06 11.47 11.79
CA ARG B 122 -6.15 11.85 12.86
C ARG B 122 -4.75 11.83 12.26
N GLN B 123 -3.81 12.44 12.97
CA GLN B 123 -2.41 12.31 12.57
C GLN B 123 -1.99 10.85 12.72
N MET B 124 -1.51 10.27 11.62
CA MET B 124 -0.86 8.97 11.68
C MET B 124 0.60 9.19 12.00
N HIS B 125 1.16 8.30 12.82
CA HIS B 125 2.47 8.51 13.41
C HIS B 125 3.52 7.63 12.74
N TRP B 126 4.75 7.75 13.23
CA TRP B 126 5.88 7.06 12.62
C TRP B 126 6.76 6.57 13.77
N PRO B 127 7.15 5.29 13.74
CA PRO B 127 6.96 4.29 12.68
C PRO B 127 5.51 3.83 12.54
N PRO B 128 5.18 3.21 11.40
CA PRO B 128 3.80 2.74 11.16
C PRO B 128 3.55 1.38 11.82
N GLY B 129 3.64 1.35 13.14
CA GLY B 129 3.63 0.10 13.87
C GLY B 129 5.04 -0.47 14.01
#